data_2ZVS
#
_entry.id   2ZVS
#
_cell.length_a   65.543
_cell.length_b   65.543
_cell.length_c   132.367
_cell.angle_alpha   90.00
_cell.angle_beta   90.00
_cell.angle_gamma   120.00
#
_symmetry.space_group_name_H-M   'P 62'
#
loop_
_entity.id
_entity.type
_entity.pdbx_description
1 polymer 'Uncharacterized ferredoxin-like protein yfhL'
2 non-polymer 'IRON/SULFUR CLUSTER'
3 water water
#
_entity_poly.entity_id   1
_entity_poly.type   'polypeptide(L)'
_entity_poly.pdbx_seq_one_letter_code
;ALLITKKCINCDMCEPECPNEAISMGDHIYEINSDKCTECVGHYETPTCQKVCPIPNTIVKDPAHVETEEQLWDKFVLMH
HADKI
;
_entity_poly.pdbx_strand_id   A,B,C
#
loop_
_chem_comp.id
_chem_comp.type
_chem_comp.name
_chem_comp.formula
SF4 non-polymer 'IRON/SULFUR CLUSTER' 'Fe4 S4'
#
# COMPACT_ATOMS: atom_id res chain seq x y z
N ALA A 1 -0.80 -22.10 15.68
CA ALA A 1 -0.45 -21.38 14.47
C ALA A 1 -0.97 -19.96 14.46
N LEU A 2 -0.31 -19.12 13.68
CA LEU A 2 -0.67 -17.71 13.72
C LEU A 2 -1.78 -17.38 12.68
N LEU A 3 -2.38 -16.27 12.89
CA LEU A 3 -3.23 -15.56 11.96
C LEU A 3 -2.84 -14.08 11.79
N ILE A 4 -3.11 -13.63 10.55
CA ILE A 4 -3.03 -12.22 10.23
C ILE A 4 -4.49 -11.70 10.24
N THR A 5 -4.80 -10.72 11.05
CA THR A 5 -5.88 -9.91 11.46
C THR A 5 -6.04 -8.80 10.39
N LYS A 6 -7.20 -8.15 10.36
CA LYS A 6 -7.58 -7.19 9.34
C LYS A 6 -6.75 -5.94 9.28
N LYS A 7 -5.84 -5.72 10.25
CA LYS A 7 -5.01 -4.59 10.12
C LYS A 7 -3.91 -4.89 9.08
N CYS A 8 -3.92 -5.96 8.28
CA CYS A 8 -2.71 -6.20 7.56
C CYS A 8 -2.62 -5.16 6.43
N ILE A 9 -1.47 -4.63 6.01
CA ILE A 9 -1.61 -3.54 5.03
C ILE A 9 -0.97 -3.88 3.72
N ASN A 10 -0.99 -5.18 3.52
CA ASN A 10 -0.38 -5.85 2.37
C ASN A 10 0.93 -5.24 1.89
N CYS A 11 1.99 -5.29 2.69
CA CYS A 11 3.37 -4.98 2.38
C CYS A 11 4.27 -6.12 1.90
N ASP A 12 3.86 -7.37 1.81
CA ASP A 12 4.60 -8.51 1.35
C ASP A 12 5.85 -8.87 2.16
N MET A 13 6.27 -8.02 3.09
CA MET A 13 7.42 -8.21 3.92
C MET A 13 7.54 -9.65 4.48
N CYS A 14 6.41 -10.16 4.97
CA CYS A 14 6.32 -11.46 5.61
C CYS A 14 6.32 -12.66 4.68
N GLU A 15 5.99 -12.69 3.41
CA GLU A 15 5.96 -13.88 2.61
C GLU A 15 7.25 -14.58 2.23
N PRO A 16 8.34 -14.03 1.68
CA PRO A 16 9.64 -14.70 1.43
C PRO A 16 10.31 -15.24 2.68
N GLU A 17 9.75 -14.87 3.85
CA GLU A 17 10.53 -15.19 5.03
C GLU A 17 10.12 -16.52 5.61
N CYS A 18 8.84 -16.76 5.80
CA CYS A 18 8.32 -17.94 6.50
C CYS A 18 8.99 -19.23 6.17
N PRO A 19 9.62 -19.96 7.06
CA PRO A 19 10.46 -21.09 6.70
C PRO A 19 9.71 -22.29 6.11
N ASN A 20 8.40 -22.15 6.09
CA ASN A 20 7.53 -23.25 5.69
C ASN A 20 6.49 -22.79 4.65
N GLU A 21 6.73 -21.69 4.00
CA GLU A 21 6.03 -21.04 2.91
C GLU A 21 4.52 -21.14 3.04
N ALA A 22 3.95 -20.89 4.20
CA ALA A 22 2.60 -20.97 4.67
C ALA A 22 1.80 -19.68 4.50
N ILE A 23 2.53 -18.60 4.29
CA ILE A 23 1.88 -17.37 3.92
C ILE A 23 1.76 -17.17 2.41
N SER A 24 0.56 -16.72 2.04
CA SER A 24 0.22 -16.27 0.74
C SER A 24 -0.83 -15.17 0.82
N MET A 25 -0.89 -14.51 -0.33
CA MET A 25 -1.90 -13.48 -0.59
C MET A 25 -3.25 -13.94 -1.04
N GLY A 26 -4.32 -13.24 -0.71
CA GLY A 26 -5.52 -13.81 -1.42
C GLY A 26 -6.48 -12.61 -1.42
N ASP A 27 -7.72 -13.02 -1.24
CA ASP A 27 -8.91 -12.22 -1.35
C ASP A 27 -8.61 -10.81 -0.88
N HIS A 28 -8.47 -10.51 0.41
CA HIS A 28 -8.26 -9.10 0.75
C HIS A 28 -6.94 -8.82 1.46
N ILE A 29 -6.42 -9.71 2.28
CA ILE A 29 -5.17 -9.51 3.03
C ILE A 29 -4.32 -10.75 2.96
N TYR A 30 -3.01 -10.78 3.24
CA TYR A 30 -2.27 -11.97 3.48
C TYR A 30 -2.94 -12.90 4.51
N GLU A 31 -2.80 -14.16 4.21
CA GLU A 31 -3.33 -15.34 4.78
C GLU A 31 -2.20 -16.37 5.04
N ILE A 32 -2.32 -16.87 6.28
CA ILE A 32 -1.60 -17.99 6.84
C ILE A 32 -2.45 -19.19 6.85
N ASN A 33 -1.87 -20.27 6.32
CA ASN A 33 -2.43 -21.59 6.25
C ASN A 33 -2.14 -22.31 7.56
N SER A 34 -3.23 -22.40 8.26
CA SER A 34 -3.24 -23.13 9.53
C SER A 34 -2.35 -24.37 9.56
N ASP A 35 -2.48 -25.19 8.50
CA ASP A 35 -1.89 -26.50 8.39
C ASP A 35 -0.37 -26.46 8.28
N LYS A 36 0.13 -25.39 7.68
CA LYS A 36 1.53 -25.25 7.49
C LYS A 36 2.27 -24.34 8.46
N CYS A 37 1.61 -23.82 9.50
CA CYS A 37 2.28 -22.85 10.42
C CYS A 37 2.66 -23.63 11.68
N THR A 38 3.99 -23.58 11.96
CA THR A 38 4.50 -24.20 13.19
C THR A 38 4.84 -23.13 14.20
N GLU A 39 4.42 -21.93 13.90
CA GLU A 39 4.85 -20.71 14.71
C GLU A 39 6.37 -20.68 14.85
N CYS A 40 7.06 -21.15 13.86
CA CYS A 40 8.47 -21.12 13.60
C CYS A 40 9.35 -22.03 14.46
N VAL A 41 8.61 -22.80 15.25
CA VAL A 41 9.28 -23.74 16.16
C VAL A 41 10.06 -24.75 15.32
N GLY A 42 11.35 -24.69 15.40
CA GLY A 42 12.42 -25.53 14.90
C GLY A 42 13.30 -24.69 13.98
N HIS A 43 12.79 -23.49 13.79
CA HIS A 43 13.57 -22.61 12.95
C HIS A 43 14.05 -21.32 13.61
N TYR A 44 13.20 -20.63 14.36
CA TYR A 44 13.51 -19.33 14.89
C TYR A 44 13.02 -19.27 16.35
N GLU A 45 13.68 -18.52 17.27
CA GLU A 45 13.14 -18.46 18.63
C GLU A 45 11.86 -17.61 18.61
N THR A 46 11.71 -16.75 17.59
CA THR A 46 10.46 -15.98 17.52
C THR A 46 9.97 -16.01 16.06
N PRO A 47 8.63 -16.09 15.99
CA PRO A 47 7.87 -16.21 14.73
C PRO A 47 8.35 -15.18 13.74
N THR A 48 8.95 -15.63 12.64
CA THR A 48 9.60 -14.71 11.73
C THR A 48 8.56 -13.72 11.15
N CYS A 49 7.34 -14.03 10.81
CA CYS A 49 6.45 -12.95 10.31
C CYS A 49 6.15 -11.84 11.31
N GLN A 50 6.06 -12.11 12.62
CA GLN A 50 5.87 -10.99 13.56
C GLN A 50 7.09 -10.11 13.56
N LYS A 51 8.25 -10.79 13.29
CA LYS A 51 9.47 -10.07 13.29
C LYS A 51 9.62 -9.06 12.14
N VAL A 52 9.18 -9.51 10.97
CA VAL A 52 9.37 -8.57 9.83
C VAL A 52 8.29 -7.50 9.85
N CYS A 53 7.08 -7.78 10.24
CA CYS A 53 5.85 -7.04 10.27
C CYS A 53 5.95 -5.60 10.79
N PRO A 54 5.60 -4.65 9.96
CA PRO A 54 5.72 -3.23 10.37
C PRO A 54 4.59 -2.74 11.22
N ILE A 55 3.55 -3.58 11.42
CA ILE A 55 2.38 -2.93 12.01
C ILE A 55 1.86 -3.42 13.33
N PRO A 56 2.14 -4.51 13.99
CA PRO A 56 1.90 -5.77 14.68
C PRO A 56 0.56 -6.46 14.53
N ASN A 57 0.39 -7.20 13.43
CA ASN A 57 -0.93 -7.65 12.98
C ASN A 57 -1.14 -9.13 13.12
N THR A 58 -0.02 -9.84 13.38
CA THR A 58 0.02 -11.26 13.54
C THR A 58 0.12 -11.71 15.01
N ILE A 59 -0.87 -12.49 15.39
CA ILE A 59 -1.52 -12.93 16.58
C ILE A 59 -1.74 -14.43 16.62
N VAL A 60 -1.76 -14.91 17.86
CA VAL A 60 -2.04 -16.34 17.97
C VAL A 60 -3.50 -16.56 17.54
N LYS A 61 -3.71 -17.74 16.87
CA LYS A 61 -5.21 -17.83 16.69
C LYS A 61 -5.88 -19.03 17.20
N ASP A 62 -6.89 -18.53 17.96
CA ASP A 62 -7.90 -19.04 18.82
C ASP A 62 -8.66 -20.18 18.18
N PRO A 63 -8.95 -20.25 16.88
CA PRO A 63 -9.57 -21.51 16.38
C PRO A 63 -8.49 -22.49 15.91
N ALA A 64 -7.26 -22.27 16.36
CA ALA A 64 -6.12 -23.02 15.87
C ALA A 64 -5.07 -22.98 16.98
N HIS A 65 -5.56 -23.48 18.06
CA HIS A 65 -4.85 -23.68 19.34
C HIS A 65 -3.94 -24.89 19.24
N VAL A 66 -2.63 -24.72 19.38
CA VAL A 66 -1.67 -25.80 19.30
C VAL A 66 -0.69 -25.68 20.47
N GLU A 67 -0.36 -26.83 21.01
CA GLU A 67 0.58 -26.88 22.13
C GLU A 67 1.97 -26.86 21.61
N THR A 68 3.00 -26.45 22.45
CA THR A 68 4.29 -26.57 21.81
C THR A 68 4.69 -27.98 21.45
N GLU A 69 4.13 -29.09 21.93
CA GLU A 69 4.86 -30.20 21.21
C GLU A 69 4.07 -30.57 19.97
N GLU A 70 2.86 -30.00 19.77
CA GLU A 70 2.20 -30.33 18.47
C GLU A 70 2.72 -29.46 17.34
N GLN A 71 3.22 -28.29 17.58
CA GLN A 71 3.92 -27.33 16.75
C GLN A 71 5.21 -27.98 16.34
N LEU A 72 5.70 -28.67 17.44
CA LEU A 72 7.01 -29.28 17.19
C LEU A 72 6.78 -30.43 16.21
N TRP A 73 5.77 -31.22 16.60
CA TRP A 73 5.66 -32.42 15.71
C TRP A 73 5.33 -31.99 14.29
N ASP A 74 4.68 -30.86 14.07
CA ASP A 74 4.45 -30.31 12.70
C ASP A 74 5.76 -29.99 12.06
N LYS A 75 6.65 -29.34 12.83
CA LYS A 75 7.96 -29.00 12.23
C LYS A 75 8.70 -30.25 11.80
N PHE A 76 8.82 -31.26 12.66
CA PHE A 76 9.54 -32.51 12.32
C PHE A 76 8.92 -33.26 11.13
N VAL A 77 7.66 -33.36 10.92
CA VAL A 77 6.90 -34.06 9.78
C VAL A 77 7.19 -33.30 8.51
N LEU A 78 7.38 -31.98 8.54
CA LEU A 78 7.61 -31.04 7.46
C LEU A 78 9.01 -31.05 6.93
N MET A 79 9.98 -31.08 7.94
CA MET A 79 11.40 -30.97 7.69
C MET A 79 12.34 -32.14 8.00
N HIS A 80 12.33 -33.13 8.86
CA HIS A 80 12.26 -34.45 9.40
C HIS A 80 13.40 -35.24 9.99
N HIS A 81 14.70 -35.14 10.02
CA HIS A 81 15.70 -35.94 10.75
C HIS A 81 17.12 -35.59 10.40
N ALA B 1 -1.21 -6.45 -13.55
CA ALA B 1 -1.75 -5.21 -14.06
C ALA B 1 -2.88 -4.62 -13.23
N LEU B 2 -3.09 -3.32 -13.51
CA LEU B 2 -4.27 -2.75 -12.86
C LEU B 2 -5.49 -2.91 -13.78
N LEU B 3 -6.67 -2.87 -13.23
CA LEU B 3 -8.01 -3.02 -13.70
C LEU B 3 -8.86 -1.77 -13.40
N ILE B 4 -9.40 -1.10 -14.44
CA ILE B 4 -10.29 0.05 -14.14
C ILE B 4 -11.67 -0.58 -13.93
N THR B 5 -12.40 -0.14 -12.93
CA THR B 5 -13.70 -0.70 -12.63
C THR B 5 -14.88 0.15 -13.11
N LYS B 6 -16.08 -0.49 -13.02
CA LYS B 6 -17.38 0.20 -13.15
C LYS B 6 -17.55 1.41 -12.28
N LYS B 7 -16.77 1.51 -11.17
CA LYS B 7 -16.90 2.69 -10.36
C LYS B 7 -16.40 3.93 -11.11
N CYS B 8 -15.54 3.75 -12.12
CA CYS B 8 -15.04 4.84 -12.94
C CYS B 8 -16.08 5.92 -13.10
N ILE B 9 -15.77 7.20 -12.91
CA ILE B 9 -16.80 8.21 -13.17
C ILE B 9 -16.49 9.01 -14.44
N ASN B 10 -15.49 8.64 -15.21
CA ASN B 10 -15.13 9.04 -16.56
C ASN B 10 -14.64 10.48 -16.73
N CYS B 11 -13.98 11.02 -15.71
CA CYS B 11 -13.22 12.26 -15.68
C CYS B 11 -11.92 12.28 -16.44
N ASP B 12 -11.34 11.22 -16.98
CA ASP B 12 -10.20 11.14 -17.89
C ASP B 12 -8.96 11.87 -17.45
N MET B 13 -8.94 12.37 -16.23
CA MET B 13 -7.66 12.91 -15.77
C MET B 13 -6.62 11.75 -15.75
N CYS B 14 -6.95 10.46 -15.79
CA CYS B 14 -5.82 9.47 -15.70
C CYS B 14 -5.19 9.12 -17.02
N GLU B 15 -5.89 9.18 -18.19
CA GLU B 15 -5.34 8.95 -19.51
C GLU B 15 -3.96 9.54 -19.80
N PRO B 16 -3.66 10.82 -19.54
CA PRO B 16 -2.43 11.51 -19.91
C PRO B 16 -1.21 11.41 -19.01
N GLU B 17 -1.46 11.03 -17.78
CA GLU B 17 -0.48 10.78 -16.77
C GLU B 17 0.11 9.37 -16.90
N CYS B 18 -0.46 8.50 -17.75
CA CYS B 18 0.12 7.13 -17.84
C CYS B 18 1.32 7.17 -18.77
N PRO B 19 2.45 6.88 -18.12
CA PRO B 19 3.78 6.92 -18.74
C PRO B 19 3.85 5.89 -19.83
N ASN B 20 3.27 4.66 -19.75
CA ASN B 20 3.22 3.94 -21.04
C ASN B 20 1.77 3.97 -21.60
N GLU B 21 1.01 5.02 -21.37
CA GLU B 21 -0.23 5.38 -22.01
C GLU B 21 -1.02 4.10 -22.41
N ALA B 22 -1.18 3.33 -21.38
CA ALA B 22 -1.97 2.10 -21.30
C ALA B 22 -3.44 2.34 -21.14
N ILE B 23 -3.95 3.51 -20.92
CA ILE B 23 -5.37 3.64 -20.69
C ILE B 23 -6.21 4.35 -21.73
N SER B 24 -7.28 3.82 -22.28
CA SER B 24 -8.13 4.51 -23.25
C SER B 24 -9.59 4.58 -22.76
N MET B 25 -10.28 5.51 -23.41
CA MET B 25 -11.68 5.88 -23.26
C MET B 25 -12.59 4.82 -23.81
N GLY B 26 -13.84 4.65 -23.28
CA GLY B 26 -14.43 3.50 -23.92
C GLY B 26 -15.92 3.42 -23.81
N ASP B 27 -16.34 2.17 -23.62
CA ASP B 27 -17.83 2.16 -23.58
C ASP B 27 -18.52 2.81 -22.38
N HIS B 28 -18.49 2.06 -21.31
CA HIS B 28 -19.06 2.73 -20.12
C HIS B 28 -17.93 3.48 -19.42
N ILE B 29 -16.75 2.86 -19.40
CA ILE B 29 -15.70 3.43 -18.53
C ILE B 29 -14.32 3.24 -19.15
N TYR B 30 -13.31 3.99 -18.75
CA TYR B 30 -11.94 4.01 -19.16
C TYR B 30 -11.29 2.64 -19.08
N GLU B 31 -10.39 2.15 -19.99
CA GLU B 31 -9.99 0.79 -19.55
C GLU B 31 -8.49 0.66 -19.74
N ILE B 32 -7.87 -0.29 -18.99
CA ILE B 32 -6.46 -0.47 -19.09
C ILE B 32 -6.05 -1.54 -20.10
N ASN B 33 -5.06 -1.27 -20.98
CA ASN B 33 -4.56 -2.42 -21.73
C ASN B 33 -3.48 -3.03 -20.80
N SER B 34 -3.94 -4.17 -20.32
CA SER B 34 -3.23 -5.07 -19.46
C SER B 34 -1.84 -5.37 -19.95
N ASP B 35 -1.70 -5.49 -21.28
CA ASP B 35 -0.39 -5.81 -21.82
C ASP B 35 0.52 -4.60 -21.74
N LYS B 36 0.06 -3.35 -21.55
CA LYS B 36 0.92 -2.21 -21.64
C LYS B 36 1.11 -1.61 -20.25
N CYS B 37 0.44 -2.19 -19.26
CA CYS B 37 0.51 -1.71 -17.88
C CYS B 37 1.53 -2.47 -17.00
N THR B 38 2.36 -1.60 -16.40
CA THR B 38 3.52 -1.99 -15.64
C THR B 38 3.43 -1.82 -14.13
N GLU B 39 2.25 -1.35 -13.86
CA GLU B 39 1.74 -1.00 -12.56
C GLU B 39 2.81 -0.05 -12.02
N CYS B 40 3.26 0.87 -12.85
CA CYS B 40 4.10 1.94 -13.01
C CYS B 40 5.56 1.65 -12.54
N VAL B 41 5.83 0.39 -12.31
CA VAL B 41 7.24 0.02 -12.02
C VAL B 41 8.17 0.68 -12.99
N GLY B 42 9.02 1.59 -12.55
CA GLY B 42 9.98 2.15 -13.49
C GLY B 42 9.86 3.65 -13.57
N HIS B 43 8.67 4.08 -13.14
CA HIS B 43 8.52 5.51 -13.36
C HIS B 43 8.11 6.19 -12.05
N TYR B 44 7.21 5.60 -11.26
CA TYR B 44 6.53 6.21 -10.13
C TYR B 44 6.40 5.24 -8.96
N GLU B 45 6.44 5.56 -7.64
CA GLU B 45 6.52 4.39 -6.74
C GLU B 45 5.27 3.60 -6.44
N THR B 46 4.16 3.99 -7.06
CA THR B 46 2.79 3.60 -7.05
C THR B 46 2.13 4.05 -8.36
N PRO B 47 1.16 3.34 -8.83
CA PRO B 47 0.26 3.73 -9.93
C PRO B 47 -0.02 5.22 -10.07
N THR B 48 0.39 5.91 -11.16
CA THR B 48 0.00 7.32 -11.27
C THR B 48 -1.52 7.47 -11.42
N CYS B 49 -2.21 6.37 -11.77
CA CYS B 49 -3.67 6.33 -11.92
C CYS B 49 -4.33 6.24 -10.55
N GLN B 50 -3.72 5.43 -9.68
CA GLN B 50 -4.41 5.41 -8.40
C GLN B 50 -4.28 6.72 -7.59
N LYS B 51 -3.32 7.55 -7.90
CA LYS B 51 -2.82 8.84 -7.46
C LYS B 51 -3.69 10.03 -7.83
N VAL B 52 -4.22 10.20 -9.03
CA VAL B 52 -5.03 11.21 -9.66
C VAL B 52 -6.54 10.92 -9.63
N CYS B 53 -7.00 9.72 -9.92
CA CYS B 53 -8.33 9.19 -9.93
C CYS B 53 -8.97 9.67 -8.61
N PRO B 54 -10.01 10.49 -8.78
CA PRO B 54 -10.77 11.11 -7.69
C PRO B 54 -11.60 10.08 -6.96
N ILE B 55 -11.72 8.87 -7.57
CA ILE B 55 -12.48 7.92 -6.74
C ILE B 55 -12.18 6.45 -6.97
N PRO B 56 -11.23 5.80 -6.34
CA PRO B 56 -10.78 4.40 -6.33
C PRO B 56 -11.41 3.24 -7.10
N ASN B 57 -11.71 3.46 -8.39
CA ASN B 57 -12.13 2.51 -9.38
C ASN B 57 -10.99 1.62 -9.81
N THR B 58 -9.73 2.01 -9.53
CA THR B 58 -8.63 1.13 -9.86
C THR B 58 -8.00 0.23 -8.80
N ILE B 59 -7.98 -1.07 -9.16
CA ILE B 59 -7.40 -2.04 -8.21
C ILE B 59 -6.48 -2.92 -9.04
N VAL B 60 -6.04 -4.09 -8.65
CA VAL B 60 -5.35 -4.97 -9.60
C VAL B 60 -6.36 -5.62 -10.55
N LYS B 61 -5.87 -6.30 -11.59
CA LYS B 61 -6.66 -7.11 -12.49
C LYS B 61 -6.45 -8.51 -11.91
N ASP B 62 -7.38 -9.10 -11.16
CA ASP B 62 -6.97 -10.45 -10.66
C ASP B 62 -6.90 -11.47 -11.78
N PRO B 63 -7.37 -11.32 -13.02
CA PRO B 63 -6.82 -12.12 -14.11
C PRO B 63 -5.54 -11.53 -14.69
N ALA B 64 -4.97 -10.45 -14.11
CA ALA B 64 -3.69 -9.95 -14.50
C ALA B 64 -2.68 -9.84 -13.29
N HIS B 65 -2.54 -10.93 -12.61
CA HIS B 65 -1.55 -11.00 -11.54
C HIS B 65 -0.17 -11.25 -12.10
N VAL B 66 0.81 -10.65 -11.44
CA VAL B 66 2.18 -10.75 -11.87
C VAL B 66 3.08 -10.24 -10.74
N GLU B 67 4.19 -10.90 -10.50
CA GLU B 67 5.29 -10.39 -9.67
C GLU B 67 6.01 -9.21 -10.28
N THR B 68 6.63 -8.45 -9.38
CA THR B 68 7.44 -7.30 -9.79
C THR B 68 8.62 -7.65 -10.68
N GLU B 69 8.98 -8.90 -10.69
CA GLU B 69 9.79 -9.42 -11.77
C GLU B 69 9.24 -9.23 -13.17
N GLU B 70 7.96 -9.60 -13.44
CA GLU B 70 7.41 -9.48 -14.79
C GLU B 70 7.04 -8.03 -15.13
N GLN B 71 6.61 -7.26 -14.18
CA GLN B 71 6.29 -5.86 -14.44
C GLN B 71 7.57 -5.11 -14.84
N LEU B 72 8.70 -5.44 -14.21
CA LEU B 72 9.97 -4.82 -14.54
C LEU B 72 10.33 -5.13 -15.99
N TRP B 73 10.13 -6.41 -16.21
CA TRP B 73 10.53 -6.91 -17.53
C TRP B 73 9.63 -6.20 -18.56
N ASP B 74 8.39 -5.93 -18.13
CA ASP B 74 7.49 -5.19 -19.02
C ASP B 74 7.89 -3.76 -19.37
N LYS B 75 8.33 -2.95 -18.41
CA LYS B 75 8.78 -1.59 -18.61
C LYS B 75 9.99 -1.43 -19.43
N PHE B 76 11.15 -2.19 -19.10
CA PHE B 76 12.33 -2.37 -19.86
C PHE B 76 12.14 -2.73 -21.33
N VAL B 77 11.36 -3.68 -21.74
CA VAL B 77 11.22 -3.95 -23.20
C VAL B 77 10.58 -2.74 -23.85
N LEU B 78 9.58 -2.27 -23.12
CA LEU B 78 8.86 -1.10 -23.68
C LEU B 78 9.76 0.12 -23.73
N MET B 79 10.53 0.45 -22.69
CA MET B 79 11.22 1.74 -22.60
C MET B 79 12.72 1.69 -22.71
N HIS B 80 13.35 0.54 -22.47
CA HIS B 80 14.80 0.36 -22.53
C HIS B 80 15.28 -0.86 -21.75
N ALA C 1 -5.46 21.59 8.55
CA ALA C 1 -4.28 20.75 8.23
C ALA C 1 -4.46 19.31 8.68
N LEU C 2 -3.68 18.44 8.06
CA LEU C 2 -3.64 17.02 8.27
C LEU C 2 -2.42 16.87 9.21
N LEU C 3 -2.28 15.70 9.77
CA LEU C 3 -1.31 15.32 10.80
C LEU C 3 -0.80 13.91 10.56
N ILE C 4 0.47 13.58 10.63
CA ILE C 4 0.88 12.17 10.54
C ILE C 4 1.00 11.54 11.96
N THR C 5 0.06 10.64 12.26
CA THR C 5 -0.05 9.98 13.57
C THR C 5 1.07 8.99 13.89
N LYS C 6 1.15 8.53 15.16
CA LYS C 6 2.28 7.60 15.41
C LYS C 6 2.21 6.26 14.73
N LYS C 7 1.21 5.91 13.91
CA LYS C 7 1.38 4.63 13.24
C LYS C 7 2.37 4.64 12.09
N CYS C 8 2.76 5.83 11.67
CA CYS C 8 3.68 6.03 10.57
C CYS C 8 4.89 5.13 10.88
N ILE C 9 5.20 4.39 9.86
CA ILE C 9 6.18 3.31 9.77
C ILE C 9 7.41 3.74 8.98
N ASN C 10 7.39 4.92 8.43
CA ASN C 10 8.40 5.65 7.71
C ASN C 10 8.54 4.92 6.40
N CYS C 11 7.35 4.65 5.76
CA CYS C 11 7.46 3.93 4.46
C CYS C 11 7.97 4.78 3.34
N ASP C 12 8.16 6.09 3.46
CA ASP C 12 8.71 7.21 2.71
C ASP C 12 7.92 7.64 1.45
N MET C 13 6.75 7.09 1.27
CA MET C 13 5.89 7.32 0.11
C MET C 13 5.31 8.70 0.07
N CYS C 14 5.02 9.29 1.24
CA CYS C 14 4.31 10.55 1.25
C CYS C 14 5.18 11.76 0.97
N GLU C 15 6.41 11.96 1.40
CA GLU C 15 7.13 13.20 1.23
C GLU C 15 7.27 13.71 -0.21
N PRO C 16 7.62 12.81 -1.16
CA PRO C 16 7.89 13.31 -2.49
C PRO C 16 6.56 13.57 -3.17
N GLU C 17 5.49 13.11 -2.52
CA GLU C 17 4.21 13.43 -3.13
C GLU C 17 3.70 14.79 -2.70
N CYS C 18 4.10 15.41 -1.55
CA CYS C 18 3.44 16.62 -1.17
C CYS C 18 3.78 17.75 -2.14
N PRO C 19 2.84 18.45 -2.75
CA PRO C 19 3.16 19.47 -3.73
C PRO C 19 3.64 20.73 -3.04
N ASN C 20 3.38 20.71 -1.72
CA ASN C 20 3.76 21.86 -0.97
C ASN C 20 4.91 21.55 0.04
N GLU C 21 5.61 20.47 -0.10
CA GLU C 21 6.76 20.08 0.73
C GLU C 21 6.45 20.20 2.21
N ALA C 22 5.26 19.98 2.67
CA ALA C 22 4.83 20.18 4.04
C ALA C 22 5.31 19.08 4.97
N ILE C 23 5.64 17.95 4.36
CA ILE C 23 6.17 16.77 5.00
C ILE C 23 7.71 16.71 4.98
N SER C 24 8.16 16.06 6.08
CA SER C 24 9.62 15.88 6.17
C SER C 24 9.94 14.89 7.26
N MET C 25 11.20 14.51 7.45
CA MET C 25 11.62 13.59 8.48
C MET C 25 11.82 14.33 9.82
N GLY C 26 11.48 13.66 10.91
CA GLY C 26 11.36 13.80 12.32
C GLY C 26 11.98 12.62 13.07
N ASP C 27 12.77 12.90 14.09
CA ASP C 27 13.51 12.01 14.97
C ASP C 27 13.00 10.57 15.03
N HIS C 28 11.71 10.41 15.08
CA HIS C 28 10.78 9.31 15.24
C HIS C 28 9.92 9.00 14.02
N ILE C 29 9.48 10.00 13.27
CA ILE C 29 8.65 9.70 12.08
C ILE C 29 8.54 10.99 11.25
N TYR C 30 8.01 10.77 10.00
CA TYR C 30 7.70 11.90 9.13
C TYR C 30 6.62 12.70 9.82
N GLU C 31 6.59 13.94 9.39
CA GLU C 31 5.75 14.90 10.04
C GLU C 31 5.24 15.98 9.09
N ILE C 32 3.95 16.26 9.22
CA ILE C 32 3.52 17.44 8.45
C ILE C 32 3.76 18.74 9.22
N ASN C 33 4.28 19.81 8.61
CA ASN C 33 4.27 21.16 8.97
C ASN C 33 2.84 21.73 8.84
N SER C 34 1.98 21.91 9.77
CA SER C 34 0.63 22.42 9.44
C SER C 34 0.61 23.83 8.81
N ASP C 35 1.74 24.53 8.86
CA ASP C 35 1.67 25.90 8.31
C ASP C 35 1.79 25.83 6.77
N LYS C 36 2.22 24.69 6.22
CA LYS C 36 2.34 24.69 4.77
C LYS C 36 1.32 23.76 4.15
N CYS C 37 0.56 23.14 5.06
CA CYS C 37 -0.28 22.06 4.61
C CYS C 37 -1.66 22.62 4.26
N THR C 38 -2.01 22.55 2.98
CA THR C 38 -3.31 23.11 2.58
C THR C 38 -4.39 22.06 2.42
N GLU C 39 -4.14 20.83 2.89
CA GLU C 39 -5.10 19.74 2.70
C GLU C 39 -5.34 19.48 1.20
N CYS C 40 -4.32 19.76 0.47
CA CYS C 40 -3.96 19.89 -0.91
C CYS C 40 -4.84 20.92 -1.65
N VAL C 41 -5.50 21.79 -0.91
CA VAL C 41 -6.45 22.82 -1.43
C VAL C 41 -5.69 23.73 -2.36
N GLY C 42 -6.20 23.61 -3.61
CA GLY C 42 -5.39 24.28 -4.60
C GLY C 42 -4.72 23.35 -5.54
N HIS C 43 -4.26 22.15 -5.11
CA HIS C 43 -3.59 21.17 -5.93
C HIS C 43 -4.44 20.00 -6.40
N TYR C 44 -5.16 19.31 -5.53
CA TYR C 44 -5.83 18.08 -5.93
C TYR C 44 -7.21 18.08 -5.34
N GLU C 45 -8.20 17.28 -5.69
CA GLU C 45 -9.45 17.19 -4.98
C GLU C 45 -9.36 16.60 -3.56
N THR C 46 -8.40 15.70 -3.36
CA THR C 46 -8.20 15.02 -2.09
C THR C 46 -6.72 14.87 -1.75
N PRO C 47 -6.48 14.85 -0.43
CA PRO C 47 -5.09 14.94 0.05
C PRO C 47 -4.26 13.81 -0.51
N THR C 48 -3.18 14.24 -1.15
CA THR C 48 -2.21 13.38 -1.81
C THR C 48 -1.47 12.35 -1.00
N CYS C 49 -1.23 12.86 0.20
CA CYS C 49 -0.48 11.97 1.10
C CYS C 49 -1.31 10.75 1.48
N GLN C 50 -2.56 11.01 1.77
CA GLN C 50 -3.59 10.12 2.22
C GLN C 50 -3.91 8.97 1.27
N LYS C 51 -3.87 9.29 -0.01
CA LYS C 51 -4.03 8.46 -1.20
C LYS C 51 -2.84 7.56 -1.26
N VAL C 52 -1.62 8.01 -0.82
CA VAL C 52 -0.52 7.11 -1.10
C VAL C 52 -0.25 6.18 0.11
N CYS C 53 -0.46 6.68 1.30
CA CYS C 53 -0.20 5.94 2.54
C CYS C 53 -0.91 4.58 2.63
N PRO C 54 -0.16 3.50 2.87
CA PRO C 54 -0.56 2.16 3.31
C PRO C 54 -1.34 1.88 4.60
N ILE C 55 -1.35 2.67 5.61
CA ILE C 55 -1.87 2.69 6.93
C ILE C 55 -2.53 3.99 7.36
N PRO C 56 -3.53 4.61 6.83
CA PRO C 56 -4.27 5.76 7.21
C PRO C 56 -3.81 6.56 8.42
N ASN C 57 -2.49 6.83 8.33
CA ASN C 57 -1.81 7.39 9.48
C ASN C 57 -2.04 8.91 9.50
N THR C 58 -2.54 9.40 8.40
CA THR C 58 -2.76 10.80 8.03
C THR C 58 -4.25 11.13 8.00
N ILE C 59 -4.60 12.01 8.90
CA ILE C 59 -5.74 12.48 9.63
C ILE C 59 -5.70 13.97 9.93
N VAL C 60 -6.87 14.62 9.93
CA VAL C 60 -7.13 15.98 10.27
C VAL C 60 -6.36 16.26 11.58
N LYS C 61 -5.88 17.47 11.59
CA LYS C 61 -5.12 17.82 12.85
C LYS C 61 -6.19 18.41 13.70
N ASP C 62 -6.48 17.96 14.92
CA ASP C 62 -7.45 18.71 15.69
C ASP C 62 -7.09 20.16 15.93
N PRO C 63 -5.90 20.61 16.27
CA PRO C 63 -5.70 22.06 16.43
C PRO C 63 -5.84 22.80 15.11
N ALA C 64 -5.47 22.06 14.07
CA ALA C 64 -5.28 22.78 12.81
C ALA C 64 -6.51 22.77 11.92
N HIS C 65 -7.70 22.58 12.51
CA HIS C 65 -8.92 22.66 11.69
C HIS C 65 -8.91 23.98 10.93
N VAL C 66 -9.63 24.00 9.81
CA VAL C 66 -9.44 25.13 8.85
C VAL C 66 -10.33 24.80 7.68
N GLU C 67 -11.06 25.84 7.27
CA GLU C 67 -11.85 25.55 6.07
C GLU C 67 -11.09 26.00 4.84
N THR C 68 -11.53 25.49 3.70
CA THR C 68 -10.93 25.78 2.42
C THR C 68 -10.68 27.24 2.21
N GLU C 69 -11.27 28.24 2.85
CA GLU C 69 -10.86 29.65 2.67
C GLU C 69 -9.40 29.84 3.08
N GLU C 70 -9.36 29.54 4.37
CA GLU C 70 -8.18 29.38 5.22
C GLU C 70 -7.21 28.52 4.43
N GLN C 71 -7.61 27.33 3.97
CA GLN C 71 -6.67 26.53 3.19
C GLN C 71 -6.25 27.24 1.92
N LEU C 72 -7.23 27.79 1.22
CA LEU C 72 -6.98 28.36 -0.11
C LEU C 72 -5.97 29.50 0.02
N TRP C 73 -6.24 30.35 1.02
CA TRP C 73 -5.30 31.45 1.24
C TRP C 73 -3.88 30.98 1.55
N ASP C 74 -3.66 29.74 1.98
CA ASP C 74 -2.24 29.46 2.26
C ASP C 74 -1.63 29.05 0.95
N LYS C 75 -2.44 28.41 0.08
CA LYS C 75 -1.85 28.02 -1.23
C LYS C 75 -1.23 29.19 -1.97
N PHE C 76 -1.90 30.33 -2.04
CA PHE C 76 -1.65 31.52 -2.80
C PHE C 76 -0.39 32.21 -2.44
N VAL C 77 -0.52 32.20 -1.07
CA VAL C 77 0.68 32.75 -0.49
C VAL C 77 1.90 31.97 -0.98
N LEU C 78 1.82 30.64 -1.09
CA LEU C 78 3.08 29.85 -1.29
C LEU C 78 3.47 29.87 -2.76
N MET C 79 2.40 29.96 -3.59
CA MET C 79 2.83 29.87 -5.02
C MET C 79 2.81 31.23 -5.67
N HIS C 80 1.67 31.89 -5.82
CA HIS C 80 1.60 33.20 -6.45
C HIS C 80 0.21 33.80 -6.32
FE1 SF4 D . 0.48 -7.80 6.62
FE2 SF4 D . 2.90 -6.80 5.87
FE3 SF4 D . 2.70 -9.55 6.44
FE4 SF4 D . 2.39 -7.57 8.42
S1 SF4 D . 4.24 -8.09 7.22
S2 SF4 D . 1.11 -9.41 8.11
S3 SF4 D . 1.40 -5.85 7.31
S4 SF4 D . 1.68 -8.37 4.78
FE1 SF4 E . 3.91 -19.38 11.02
FE2 SF4 E . 6.49 -18.79 11.31
FE3 SF4 E . 4.76 -16.88 10.57
FE4 SF4 E . 5.41 -18.90 8.98
S1 SF4 E . 6.82 -17.25 9.66
S2 SF4 E . 3.31 -18.06 9.26
S3 SF4 E . 5.66 -20.70 10.39
S4 SF4 E . 4.78 -17.97 12.58
FE1 SF4 F . -12.07 6.79 -14.26
FE2 SF4 F . -11.29 9.40 -13.88
FE3 SF4 F . -9.52 7.51 -14.75
FE4 SF4 F . -10.40 7.55 -12.28
S1 SF4 F . -9.10 9.17 -13.23
S2 SF4 F . -10.16 5.69 -13.58
S3 SF4 F . -12.60 8.14 -12.51
S4 SF4 F . -11.37 8.27 -15.84
FE1 SF4 G . -0.70 0.77 -15.27
FE2 SF4 G . 0.83 2.91 -14.19
FE3 SF4 G . -1.83 3.07 -14.32
FE4 SF4 G . -0.52 3.18 -16.44
S1 SF4 G . -0.38 4.76 -14.78
S2 SF4 G . -2.42 1.96 -16.20
S3 SF4 G . 1.20 1.72 -16.09
S4 SF4 G . -0.65 1.54 -13.12
FE1 SF4 H . 4.09 7.31 7.26
FE2 SF4 H . 4.22 6.13 4.91
FE3 SF4 H . 3.82 8.68 5.08
FE4 SF4 H . 1.89 6.85 5.69
S1 SF4 H . 2.73 7.29 3.63
S2 SF4 H . 2.41 8.74 6.86
S3 SF4 H . 3.18 5.28 6.75
S4 SF4 H . 5.74 7.63 5.72
FE1 SF4 I . -1.14 18.49 3.30
FE2 SF4 I . -1.62 17.77 0.70
FE3 SF4 I . -0.75 16.03 2.57
FE4 SF4 I . 0.86 17.99 1.65
S1 SF4 I . 0.02 16.24 0.44
S2 SF4 I . 0.72 17.27 3.81
S3 SF4 I . -0.63 19.69 1.42
S4 SF4 I . -2.76 17.09 2.53
#